data_1LCE
#
_entry.id   1LCE
#
_cell.length_a   78.900
_cell.length_b   78.900
_cell.length_c   229.700
_cell.angle_alpha   90.00
_cell.angle_beta   90.00
_cell.angle_gamma   120.00
#
_symmetry.space_group_name_H-M   'P 61 2 2'
#
loop_
_entity.id
_entity.type
_entity.pdbx_description
1 polymer 'THYMIDYLATE SYNTHASE'
2 non-polymer "2'-DEOXYURIDINE 5'-MONOPHOSPHATE"
3 non-polymer '5,10-METHYLENE-6-HYDROFOLIC ACID'
4 water water
#
_entity_poly.entity_id   1
_entity_poly.type   'polypeptide(L)'
_entity_poly.pdbx_seq_one_letter_code
;MLEQPYLDLAKKVLDEGHFKPDRTHTGTYSIFGHQMRFDLSKGFPLLTTKKVPFGLIKSELLWFLHGDTNIRFLLQHRNH
IWDEWAFEKWVKSDEYHGPDMTDFGHRSQKDPEFAAVYHEEMAKFDDRVLHDDAFAAKYGDLGLVYGSQWRAWHTSKGDT
IDQLGDVIEQIKTHPYSRRLIVSAWNPEDVPTMALPPCHTLYQFYVNDGKLSLQLYQRSADIFLGVPFNIASYALLTHLV
AHECGLEVGEFIHTFGDAHLYVNHLDQIKEQLSRTPRPAPTLQLNPDKHDIFDFDMKDIKLLNYDPYPAIKAPVAV
;
_entity_poly.pdbx_strand_id   A
#
loop_
_chem_comp.id
_chem_comp.type
_chem_comp.name
_chem_comp.formula
TMF non-polymer '5,10-METHYLENE-6-HYDROFOLIC ACID' 'C20 H21 N7 O6'
UMP non-polymer '2'-DEOXYURIDINE 5'-MONOPHOSPHATE' 'C9 H13 N2 O8 P'
#
# COMPACT_ATOMS: atom_id res chain seq x y z
N MET A 1 -2.34 -2.45 23.80
CA MET A 1 -2.83 -3.46 22.85
C MET A 1 -2.01 -3.45 21.55
N LEU A 2 -2.05 -4.41 20.62
CA LEU A 2 -1.17 -4.38 19.44
C LEU A 2 -1.19 -3.17 18.55
N GLU A 3 -2.34 -2.55 18.43
CA GLU A 3 -2.43 -1.38 17.61
C GLU A 3 -2.17 -0.07 18.34
N GLN A 4 -1.79 0.06 19.66
CA GLN A 4 -1.65 1.37 20.30
C GLN A 4 -0.48 2.21 19.74
N PRO A 5 0.70 1.82 19.18
CA PRO A 5 1.57 2.73 18.42
C PRO A 5 0.89 3.55 17.30
N TYR A 6 -0.24 3.19 16.67
CA TYR A 6 -0.90 4.05 15.67
C TYR A 6 -1.68 5.19 16.35
N LEU A 7 -2.30 4.91 17.50
CA LEU A 7 -3.10 5.87 18.21
C LEU A 7 -2.18 6.90 18.84
N ASP A 8 -1.08 6.39 19.37
CA ASP A 8 -0.14 7.23 20.12
C ASP A 8 0.61 8.11 19.16
N LEU A 9 0.57 7.77 17.87
CA LEU A 9 1.12 8.56 16.78
C LEU A 9 0.03 9.41 16.13
N ALA A 10 -1.29 9.08 16.18
CA ALA A 10 -2.32 10.01 15.68
C ALA A 10 -2.52 11.12 16.74
N LYS A 11 -2.64 10.91 18.05
CA LYS A 11 -2.66 11.99 19.05
C LYS A 11 -1.30 12.66 19.15
N LYS A 12 -0.34 12.39 18.29
CA LYS A 12 0.90 13.06 18.39
C LYS A 12 0.97 13.90 17.14
N VAL A 13 0.31 13.59 16.02
CA VAL A 13 0.36 14.52 14.88
C VAL A 13 -0.51 15.69 15.29
N LEU A 14 -1.70 15.28 15.77
CA LEU A 14 -2.82 16.08 16.30
C LEU A 14 -2.10 16.59 17.53
N ASP A 15 -2.11 17.92 17.72
CA ASP A 15 -1.43 18.54 18.88
C ASP A 15 -0.03 18.09 19.37
N GLU A 16 0.84 18.39 18.44
CA GLU A 16 2.29 18.30 18.55
C GLU A 16 2.80 18.48 17.13
N GLY A 17 2.09 17.95 16.13
CA GLY A 17 2.39 18.31 14.73
C GLY A 17 2.12 19.79 14.46
N HIS A 18 2.98 20.33 13.60
CA HIS A 18 2.92 21.73 13.17
C HIS A 18 2.21 21.88 11.80
N PHE A 19 1.55 23.01 11.49
CA PHE A 19 0.82 23.10 10.20
C PHE A 19 1.68 23.17 8.92
N LYS A 20 1.81 22.09 8.14
CA LYS A 20 2.58 22.16 6.91
C LYS A 20 1.56 22.43 5.80
N PRO A 21 1.79 23.43 4.89
CA PRO A 21 1.12 23.51 3.58
C PRO A 21 0.94 22.16 2.94
N ASP A 22 2.03 21.46 2.55
CA ASP A 22 2.09 20.25 1.72
C ASP A 22 1.93 20.72 0.24
N ARG A 23 1.84 19.78 -0.71
CA ARG A 23 1.57 20.08 -2.14
C ARG A 23 0.12 20.49 -2.52
N THR A 24 -0.95 19.64 -2.47
CA THR A 24 -2.36 19.89 -2.79
C THR A 24 -3.06 20.71 -1.69
N HIS A 25 -2.48 21.87 -1.43
CA HIS A 25 -2.72 22.87 -0.35
C HIS A 25 -3.64 22.65 0.86
N THR A 26 -3.94 21.37 1.17
CA THR A 26 -4.91 21.12 2.22
C THR A 26 -4.25 20.77 3.57
N GLY A 27 -2.98 21.17 3.75
CA GLY A 27 -2.39 21.18 5.08
C GLY A 27 -2.39 19.92 5.93
N THR A 28 -1.27 20.03 6.57
CA THR A 28 -0.84 18.93 7.34
C THR A 28 -0.37 19.39 8.70
N TYR A 29 -0.27 18.34 9.45
CA TYR A 29 0.40 18.42 10.71
C TYR A 29 1.41 17.39 10.41
N SER A 30 2.56 17.96 10.20
CA SER A 30 3.60 17.07 9.90
C SER A 30 4.32 16.86 11.18
N ILE A 31 5.08 15.76 11.13
CA ILE A 31 6.22 15.51 11.98
C ILE A 31 7.16 14.85 11.03
N PHE A 32 8.42 14.85 11.41
CA PHE A 32 9.45 14.15 10.68
C PHE A 32 10.21 13.21 11.60
N GLY A 33 10.04 11.92 11.32
CA GLY A 33 10.76 10.92 12.00
C GLY A 33 9.87 10.30 13.00
N HIS A 34 9.56 9.03 12.74
CA HIS A 34 8.86 8.20 13.70
C HIS A 34 9.06 6.72 13.44
N GLN A 35 9.44 5.98 14.43
CA GLN A 35 9.63 4.55 14.36
C GLN A 35 8.48 4.05 15.17
N MET A 36 7.64 3.14 14.69
CA MET A 36 6.69 2.53 15.57
C MET A 36 6.89 1.04 15.38
N ARG A 37 6.69 0.27 16.45
CA ARG A 37 6.93 -1.15 16.41
C ARG A 37 5.69 -1.98 16.58
N PHE A 38 5.77 -3.11 15.90
CA PHE A 38 4.75 -4.13 15.90
C PHE A 38 5.44 -5.51 16.01
N ASP A 39 5.09 -6.34 17.00
CA ASP A 39 5.62 -7.68 17.20
C ASP A 39 4.43 -8.42 16.68
N LEU A 40 4.70 -9.21 15.66
CA LEU A 40 3.62 -9.84 14.98
C LEU A 40 3.26 -11.15 15.63
N SER A 41 3.90 -11.82 16.57
CA SER A 41 3.23 -13.00 17.11
C SER A 41 2.19 -12.74 18.19
N LYS A 42 1.96 -11.49 18.63
CA LYS A 42 0.93 -11.27 19.60
C LYS A 42 -0.38 -11.40 18.87
N GLY A 43 -0.39 -11.14 17.54
CA GLY A 43 -1.57 -11.09 16.68
C GLY A 43 -1.28 -10.24 15.44
N PHE A 44 -2.24 -9.89 14.59
CA PHE A 44 -2.01 -9.17 13.37
C PHE A 44 -2.29 -7.64 13.43
N PRO A 45 -1.52 -6.72 12.87
CA PRO A 45 -1.62 -5.31 13.11
C PRO A 45 -2.61 -4.48 12.38
N LEU A 46 -3.81 -4.93 12.05
CA LEU A 46 -4.69 -3.91 11.54
C LEU A 46 -5.63 -3.63 12.69
N LEU A 47 -6.19 -2.44 12.48
CA LEU A 47 -6.98 -1.76 13.45
C LEU A 47 -8.30 -2.44 13.76
N THR A 48 -8.69 -2.62 15.04
CA THR A 48 -10.06 -3.00 15.37
C THR A 48 -10.68 -1.63 15.67
N THR A 49 -10.01 -0.51 15.98
CA THR A 49 -10.80 0.71 16.12
C THR A 49 -11.00 1.38 14.75
N LYS A 50 -11.83 0.93 13.77
CA LYS A 50 -12.16 1.59 12.47
C LYS A 50 -11.95 0.52 11.44
N LYS A 51 -13.01 0.09 10.78
CA LYS A 51 -12.94 -0.92 9.71
C LYS A 51 -11.89 -0.69 8.61
N VAL A 52 -10.90 -1.55 8.41
CA VAL A 52 -9.91 -1.45 7.36
C VAL A 52 -10.22 -2.65 6.46
N PRO A 53 -10.28 -2.66 5.11
CA PRO A 53 -10.56 -3.84 4.24
C PRO A 53 -9.51 -4.93 3.94
N PHE A 54 -9.61 -6.21 4.31
CA PHE A 54 -8.46 -7.12 4.10
C PHE A 54 -8.30 -7.85 2.77
N GLY A 55 -9.35 -8.17 2.02
CA GLY A 55 -9.27 -8.66 0.67
C GLY A 55 -8.73 -7.53 -0.21
N LEU A 56 -8.67 -6.23 0.11
CA LEU A 56 -8.10 -5.27 -0.85
C LEU A 56 -6.58 -5.24 -0.86
N ILE A 57 -6.09 -5.27 0.38
CA ILE A 57 -4.70 -5.28 0.72
C ILE A 57 -4.13 -6.58 0.20
N LYS A 58 -4.82 -7.69 0.56
CA LYS A 58 -4.42 -8.99 0.05
C LYS A 58 -4.25 -8.80 -1.48
N SER A 59 -5.31 -8.55 -2.24
CA SER A 59 -5.23 -8.58 -3.67
C SER A 59 -4.19 -7.67 -4.18
N GLU A 60 -3.88 -6.58 -3.48
CA GLU A 60 -2.94 -5.60 -3.98
C GLU A 60 -1.50 -6.03 -3.90
N LEU A 61 -1.15 -6.61 -2.74
CA LEU A 61 0.18 -7.02 -2.43
C LEU A 61 0.35 -8.26 -3.25
N LEU A 62 -0.62 -9.15 -3.24
CA LEU A 62 -0.57 -10.33 -4.06
C LEU A 62 -0.18 -9.88 -5.49
N TRP A 63 -0.81 -8.79 -5.97
CA TRP A 63 -0.54 -8.19 -7.25
C TRP A 63 0.85 -7.67 -7.34
N PHE A 64 1.36 -6.90 -6.38
CA PHE A 64 2.75 -6.46 -6.37
C PHE A 64 3.71 -7.64 -6.37
N LEU A 65 3.48 -8.77 -5.65
CA LEU A 65 4.39 -9.89 -5.62
C LEU A 65 4.38 -10.73 -6.89
N HIS A 66 3.38 -10.63 -7.77
CA HIS A 66 3.58 -11.19 -9.11
C HIS A 66 4.41 -10.24 -9.99
N GLY A 67 4.81 -9.03 -9.64
CA GLY A 67 5.54 -8.19 -10.53
C GLY A 67 4.64 -7.75 -11.65
N ASP A 68 3.35 -7.99 -11.47
CA ASP A 68 2.34 -7.71 -12.45
C ASP A 68 2.14 -6.21 -12.30
N THR A 69 2.00 -5.45 -13.38
CA THR A 69 1.79 -4.02 -13.30
C THR A 69 0.42 -3.78 -13.96
N ASN A 70 -0.48 -4.76 -14.01
CA ASN A 70 -1.74 -4.52 -14.69
C ASN A 70 -3.00 -4.58 -13.83
N ILE A 71 -3.76 -3.51 -13.95
CA ILE A 71 -4.94 -3.34 -13.22
C ILE A 71 -5.88 -4.46 -13.57
N ARG A 72 -5.82 -5.07 -14.74
CA ARG A 72 -6.72 -6.14 -15.12
C ARG A 72 -6.72 -7.30 -14.16
N PHE A 73 -5.69 -7.54 -13.38
CA PHE A 73 -5.77 -8.55 -12.32
C PHE A 73 -6.48 -8.01 -11.12
N LEU A 74 -6.25 -6.73 -10.86
CA LEU A 74 -6.83 -6.08 -9.72
C LEU A 74 -8.35 -5.97 -9.85
N LEU A 75 -8.80 -5.60 -11.04
CA LEU A 75 -10.20 -5.46 -11.32
C LEU A 75 -10.83 -6.82 -11.19
N GLN A 76 -10.14 -7.84 -11.71
CA GLN A 76 -10.68 -9.20 -11.69
C GLN A 76 -10.98 -9.54 -10.23
N HIS A 77 -10.08 -9.17 -9.31
CA HIS A 77 -10.36 -9.45 -7.90
C HIS A 77 -11.39 -8.61 -7.18
N ARG A 78 -11.58 -7.37 -7.70
CA ARG A 78 -12.49 -6.28 -7.31
C ARG A 78 -11.78 -5.12 -6.61
N ASN A 79 -10.53 -4.82 -6.98
CA ASN A 79 -9.69 -3.78 -6.35
C ASN A 79 -9.49 -2.56 -7.26
N HIS A 80 -9.74 -1.32 -6.91
CA HIS A 80 -9.54 -0.31 -7.91
C HIS A 80 -8.80 0.84 -7.28
N ILE A 81 -8.16 0.62 -6.10
CA ILE A 81 -7.21 1.53 -5.43
C ILE A 81 -6.32 2.16 -6.50
N TRP A 82 -5.89 1.45 -7.55
CA TRP A 82 -4.99 1.95 -8.58
C TRP A 82 -5.46 2.68 -9.83
N ASP A 83 -6.75 2.47 -10.14
CA ASP A 83 -7.45 3.14 -11.23
C ASP A 83 -7.11 4.54 -11.76
N GLU A 84 -7.07 5.59 -10.96
CA GLU A 84 -6.85 7.01 -11.33
C GLU A 84 -5.54 7.47 -11.99
N TRP A 85 -4.38 6.81 -11.93
CA TRP A 85 -3.28 7.29 -12.77
C TRP A 85 -3.39 6.69 -14.17
N ALA A 86 -3.97 5.47 -14.21
CA ALA A 86 -4.33 4.73 -15.42
C ALA A 86 -5.20 5.62 -16.25
N PHE A 87 -6.38 5.94 -15.77
CA PHE A 87 -7.24 6.94 -16.37
C PHE A 87 -6.42 8.24 -16.62
N GLU A 88 -5.53 8.72 -15.71
CA GLU A 88 -4.68 9.92 -15.93
C GLU A 88 -3.99 9.73 -17.27
N LYS A 89 -3.46 8.54 -17.56
CA LYS A 89 -2.97 8.31 -18.91
C LYS A 89 -4.20 8.25 -19.81
N TRP A 90 -5.30 7.44 -19.73
CA TRP A 90 -6.30 7.28 -20.81
C TRP A 90 -6.95 8.55 -21.31
N VAL A 91 -7.41 9.38 -20.37
CA VAL A 91 -8.12 10.61 -20.71
C VAL A 91 -7.14 11.70 -21.19
N LYS A 92 -5.78 11.56 -20.98
CA LYS A 92 -4.69 12.41 -21.55
C LYS A 92 -4.10 11.85 -22.89
N SER A 93 -4.75 10.81 -23.38
CA SER A 93 -4.38 10.18 -24.62
C SER A 93 -5.17 10.66 -25.83
N ASP A 94 -4.51 10.12 -26.87
CA ASP A 94 -4.76 10.25 -28.32
C ASP A 94 -6.04 9.46 -28.64
N GLU A 95 -6.21 8.31 -28.01
CA GLU A 95 -7.39 7.56 -28.21
C GLU A 95 -8.55 8.12 -27.36
N TYR A 96 -8.43 9.01 -26.36
CA TYR A 96 -9.55 9.27 -25.45
C TYR A 96 -10.90 9.69 -26.04
N HIS A 97 -10.67 10.54 -27.06
CA HIS A 97 -11.63 11.34 -27.81
C HIS A 97 -13.18 11.27 -27.78
N GLY A 98 -13.43 11.71 -26.53
CA GLY A 98 -14.79 11.90 -26.12
C GLY A 98 -14.84 13.01 -25.06
N PRO A 99 -15.67 12.65 -24.04
CA PRO A 99 -16.48 13.60 -23.34
C PRO A 99 -15.85 14.42 -22.20
N ASP A 100 -14.56 14.69 -22.41
CA ASP A 100 -13.73 15.47 -21.51
C ASP A 100 -13.60 14.96 -20.07
N MET A 101 -12.39 14.52 -19.76
CA MET A 101 -12.22 14.10 -18.41
C MET A 101 -11.25 14.84 -17.56
N THR A 102 -10.77 15.93 -18.12
CA THR A 102 -9.81 16.79 -17.48
C THR A 102 -10.10 16.98 -15.97
N ASP A 103 -9.19 16.49 -15.11
CA ASP A 103 -9.27 16.74 -13.67
C ASP A 103 -10.42 16.08 -12.92
N PHE A 104 -11.18 15.18 -13.58
CA PHE A 104 -12.09 14.27 -12.94
C PHE A 104 -12.06 14.22 -11.41
N GLY A 105 -10.81 13.98 -11.03
CA GLY A 105 -10.22 13.86 -9.73
C GLY A 105 -10.70 14.91 -8.80
N HIS A 106 -10.58 16.25 -8.91
CA HIS A 106 -11.22 16.93 -7.76
C HIS A 106 -12.34 17.97 -7.83
N ARG A 107 -12.82 17.76 -9.07
CA ARG A 107 -14.06 18.29 -9.66
C ARG A 107 -15.26 17.37 -9.18
N SER A 108 -14.90 16.12 -8.83
CA SER A 108 -15.64 15.13 -8.09
C SER A 108 -15.69 15.82 -6.70
N GLN A 109 -16.78 15.52 -5.94
CA GLN A 109 -17.26 16.12 -4.67
C GLN A 109 -17.80 17.53 -5.08
N LYS A 110 -17.09 18.29 -5.93
CA LYS A 110 -17.62 19.56 -6.44
C LYS A 110 -18.69 19.33 -7.58
N ASP A 111 -19.51 18.19 -7.52
CA ASP A 111 -20.52 17.61 -8.46
C ASP A 111 -20.05 17.62 -9.91
N PRO A 112 -20.10 18.68 -10.84
CA PRO A 112 -21.24 19.23 -11.61
C PRO A 112 -21.17 18.33 -12.83
N GLU A 113 -20.56 18.78 -13.96
CA GLU A 113 -20.21 17.96 -15.10
C GLU A 113 -19.51 16.63 -14.66
N PHE A 114 -18.97 16.54 -13.44
CA PHE A 114 -18.14 15.47 -12.93
C PHE A 114 -18.57 14.28 -12.10
N ALA A 115 -19.70 14.18 -11.41
CA ALA A 115 -20.00 13.03 -10.56
C ALA A 115 -20.44 11.75 -11.20
N ALA A 116 -21.10 11.83 -12.37
CA ALA A 116 -21.61 10.69 -13.16
C ALA A 116 -20.95 10.51 -14.52
N VAL A 117 -20.12 11.48 -14.89
CA VAL A 117 -19.46 11.43 -16.17
C VAL A 117 -18.10 10.95 -15.91
N TYR A 118 -17.36 11.53 -14.98
CA TYR A 118 -16.05 10.97 -14.67
C TYR A 118 -16.29 9.52 -14.21
N HIS A 119 -17.38 9.35 -13.43
CA HIS A 119 -17.72 7.99 -13.03
C HIS A 119 -18.26 7.07 -14.16
N GLU A 120 -18.97 7.47 -15.25
CA GLU A 120 -19.40 6.61 -16.41
C GLU A 120 -18.19 6.31 -17.25
N GLU A 121 -17.33 7.31 -17.47
CA GLU A 121 -16.02 7.15 -18.11
C GLU A 121 -15.15 6.17 -17.28
N MET A 122 -15.23 6.00 -15.94
CA MET A 122 -14.43 4.98 -15.21
C MET A 122 -14.88 3.55 -15.46
N ALA A 123 -16.16 3.27 -15.46
CA ALA A 123 -16.56 1.92 -15.72
C ALA A 123 -16.35 1.58 -17.22
N LYS A 124 -16.41 2.57 -18.10
CA LYS A 124 -16.02 2.47 -19.54
C LYS A 124 -14.48 2.16 -19.66
N PHE A 125 -13.56 2.82 -18.92
CA PHE A 125 -12.14 2.54 -18.96
C PHE A 125 -11.92 1.19 -18.30
N ASP A 126 -12.60 0.81 -17.27
CA ASP A 126 -12.30 -0.46 -16.63
C ASP A 126 -12.66 -1.63 -17.50
N ASP A 127 -13.90 -1.60 -17.94
CA ASP A 127 -14.45 -2.74 -18.60
C ASP A 127 -13.76 -3.15 -19.86
N ARG A 128 -13.27 -2.10 -20.50
CA ARG A 128 -12.49 -2.21 -21.70
C ARG A 128 -11.22 -3.00 -21.35
N VAL A 129 -10.64 -2.63 -20.19
CA VAL A 129 -9.39 -3.16 -19.64
C VAL A 129 -9.57 -4.58 -19.15
N LEU A 130 -10.79 -4.97 -18.80
CA LEU A 130 -11.03 -6.32 -18.40
C LEU A 130 -11.24 -7.20 -19.62
N HIS A 131 -11.39 -6.64 -20.80
CA HIS A 131 -11.79 -7.51 -21.89
C HIS A 131 -11.00 -7.35 -23.17
N ASP A 132 -10.81 -6.13 -23.62
CA ASP A 132 -10.05 -5.88 -24.83
C ASP A 132 -8.64 -6.12 -24.34
N ASP A 133 -8.08 -7.17 -24.97
CA ASP A 133 -6.76 -7.67 -24.60
C ASP A 133 -5.60 -6.86 -25.13
N ALA A 134 -5.91 -5.68 -25.58
CA ALA A 134 -4.96 -4.81 -26.19
C ALA A 134 -5.22 -3.55 -25.44
N PHE A 135 -6.47 -3.06 -25.26
CA PHE A 135 -6.78 -1.88 -24.45
C PHE A 135 -6.08 -1.87 -23.08
N ALA A 136 -6.17 -3.11 -22.56
CA ALA A 136 -5.48 -3.58 -21.37
C ALA A 136 -4.01 -3.27 -21.42
N ALA A 137 -3.38 -3.42 -22.57
CA ALA A 137 -1.94 -3.23 -22.63
C ALA A 137 -1.46 -1.82 -22.92
N LYS A 138 -2.34 -1.04 -23.56
CA LYS A 138 -1.82 0.28 -23.92
C LYS A 138 -2.03 1.19 -22.75
N TYR A 139 -3.11 1.01 -21.96
CA TYR A 139 -3.42 1.96 -20.89
C TYR A 139 -3.55 1.29 -19.53
N GLY A 140 -4.06 0.06 -19.47
CA GLY A 140 -4.23 -0.61 -18.19
C GLY A 140 -2.93 -1.10 -17.55
N ASP A 141 -1.78 -0.98 -18.18
CA ASP A 141 -0.52 -1.61 -17.80
C ASP A 141 0.22 -0.36 -17.40
N LEU A 142 0.62 -0.29 -16.15
CA LEU A 142 1.24 0.88 -15.54
C LEU A 142 2.72 1.06 -15.67
N GLY A 143 3.48 0.09 -16.15
CA GLY A 143 4.89 0.30 -16.22
C GLY A 143 5.51 0.26 -14.82
N LEU A 144 5.58 1.42 -14.16
CA LEU A 144 6.29 1.54 -12.87
C LEU A 144 5.45 1.73 -11.61
N VAL A 145 5.38 0.54 -11.03
CA VAL A 145 4.62 0.28 -9.84
C VAL A 145 5.56 -0.62 -9.06
N TYR A 146 5.10 -0.97 -7.88
CA TYR A 146 5.86 -1.83 -7.02
C TYR A 146 6.11 -3.17 -7.64
N GLY A 147 5.25 -3.90 -8.36
CA GLY A 147 5.78 -5.11 -9.02
C GLY A 147 7.03 -4.91 -9.94
N SER A 148 7.30 -3.84 -10.67
CA SER A 148 8.49 -3.75 -11.48
C SER A 148 9.59 -3.21 -10.65
N GLN A 149 9.33 -2.35 -9.67
CA GLN A 149 10.37 -1.83 -8.78
C GLN A 149 10.96 -2.97 -7.95
N TRP A 150 10.01 -3.75 -7.47
CA TRP A 150 10.31 -4.93 -6.71
C TRP A 150 10.94 -6.08 -7.46
N ARG A 151 10.33 -6.56 -8.55
CA ARG A 151 10.81 -7.74 -9.22
C ARG A 151 11.27 -7.55 -10.66
N ALA A 152 11.64 -6.37 -11.14
CA ALA A 152 12.14 -6.13 -12.51
C ALA A 152 12.58 -4.69 -12.59
N TRP A 153 13.54 -4.38 -11.76
CA TRP A 153 14.07 -3.04 -11.69
C TRP A 153 14.84 -3.03 -12.98
N HIS A 154 14.72 -2.00 -13.79
CA HIS A 154 15.36 -2.02 -15.07
C HIS A 154 16.84 -1.66 -15.02
N THR A 155 17.83 -2.45 -15.44
CA THR A 155 19.21 -2.00 -15.23
C THR A 155 19.70 -1.02 -16.24
N SER A 156 20.82 -0.38 -15.82
CA SER A 156 21.60 0.58 -16.57
C SER A 156 22.17 0.02 -17.86
N LYS A 157 22.26 -1.27 -18.00
CA LYS A 157 22.75 -1.77 -19.22
C LYS A 157 21.74 -2.81 -19.83
N GLY A 158 20.47 -2.47 -20.03
CA GLY A 158 19.57 -3.35 -20.79
C GLY A 158 18.71 -4.48 -20.18
N ASP A 159 18.50 -4.74 -18.86
CA ASP A 159 17.43 -5.67 -18.41
C ASP A 159 17.04 -5.81 -16.89
N THR A 160 15.92 -6.53 -16.72
CA THR A 160 15.17 -7.00 -15.56
C THR A 160 15.91 -7.65 -14.37
N ILE A 161 16.10 -7.02 -13.19
CA ILE A 161 16.60 -7.80 -12.03
C ILE A 161 15.52 -7.85 -10.93
N ASP A 162 15.26 -9.08 -10.52
CA ASP A 162 14.20 -9.38 -9.57
C ASP A 162 14.80 -9.16 -8.21
N GLN A 163 14.57 -8.06 -7.54
CA GLN A 163 15.18 -7.88 -6.23
C GLN A 163 14.72 -8.83 -5.15
N LEU A 164 13.41 -8.79 -4.82
CA LEU A 164 12.77 -9.64 -3.84
C LEU A 164 13.02 -11.13 -4.09
N GLY A 165 13.27 -11.60 -5.33
CA GLY A 165 13.57 -12.98 -5.64
C GLY A 165 14.88 -13.30 -4.97
N ASP A 166 15.91 -12.48 -5.26
CA ASP A 166 17.24 -12.61 -4.64
C ASP A 166 17.13 -12.36 -3.15
N VAL A 167 16.55 -11.32 -2.57
CA VAL A 167 16.51 -11.22 -1.14
C VAL A 167 15.88 -12.45 -0.50
N ILE A 168 14.83 -13.09 -1.01
CA ILE A 168 14.25 -14.30 -0.42
C ILE A 168 15.34 -15.35 -0.59
N GLU A 169 16.25 -15.32 -1.58
CA GLU A 169 17.39 -16.24 -1.53
C GLU A 169 18.40 -15.98 -0.40
N GLN A 170 18.89 -14.72 -0.29
CA GLN A 170 19.88 -14.27 0.66
C GLN A 170 19.31 -14.50 2.07
N ILE A 171 18.00 -14.63 2.33
CA ILE A 171 17.53 -14.96 3.68
C ILE A 171 17.61 -16.46 3.80
N LYS A 172 17.18 -17.15 2.73
CA LYS A 172 17.29 -18.60 2.68
C LYS A 172 18.73 -19.08 2.82
N THR A 173 19.78 -18.31 2.47
CA THR A 173 21.16 -18.78 2.54
C THR A 173 22.05 -18.08 3.55
N HIS A 174 22.05 -16.74 3.59
CA HIS A 174 22.85 -15.96 4.52
C HIS A 174 21.93 -15.23 5.48
N PRO A 175 21.24 -15.85 6.42
CA PRO A 175 20.22 -15.24 7.25
C PRO A 175 20.62 -13.94 7.93
N TYR A 176 21.85 -13.97 8.46
CA TYR A 176 22.20 -12.83 9.29
C TYR A 176 23.03 -11.72 8.60
N SER A 177 22.53 -11.13 7.49
CA SER A 177 23.27 -10.04 6.88
C SER A 177 22.49 -8.75 6.83
N ARG A 178 23.31 -7.76 7.02
CA ARG A 178 22.86 -6.41 7.19
C ARG A 178 22.80 -5.75 5.82
N ARG A 179 22.38 -6.50 4.80
CA ARG A 179 22.25 -6.04 3.41
C ARG A 179 20.87 -6.47 2.88
N LEU A 180 20.00 -7.23 3.61
CA LEU A 180 18.72 -7.74 3.09
C LEU A 180 17.58 -6.77 2.69
N ILE A 181 17.92 -5.83 1.79
CA ILE A 181 17.07 -4.75 1.37
C ILE A 181 16.41 -4.90 0.00
N VAL A 182 15.20 -4.40 -0.20
CA VAL A 182 14.61 -4.31 -1.52
C VAL A 182 14.45 -2.80 -1.65
N SER A 183 14.68 -2.11 -2.74
CA SER A 183 14.62 -0.64 -2.85
C SER A 183 13.65 -0.28 -3.96
N ALA A 184 12.85 0.76 -3.72
CA ALA A 184 11.95 1.26 -4.74
C ALA A 184 12.36 2.64 -5.28
N TRP A 185 13.10 3.47 -4.58
CA TRP A 185 13.54 4.73 -5.16
C TRP A 185 14.54 4.45 -6.28
N ASN A 186 14.27 4.63 -7.57
CA ASN A 186 15.25 4.53 -8.69
C ASN A 186 15.33 5.94 -9.19
N PRO A 187 16.37 6.72 -9.24
CA PRO A 187 16.24 8.12 -9.66
C PRO A 187 16.16 8.38 -11.19
N GLU A 188 16.38 7.42 -12.14
CA GLU A 188 16.22 7.65 -13.62
C GLU A 188 14.82 8.19 -13.74
N ASP A 189 14.03 7.33 -13.09
CA ASP A 189 12.61 7.39 -13.15
C ASP A 189 12.01 8.40 -12.21
N VAL A 190 12.64 8.90 -11.13
CA VAL A 190 11.91 9.78 -10.17
C VAL A 190 11.44 11.14 -10.72
N PRO A 191 12.21 11.91 -11.49
CA PRO A 191 11.80 13.21 -11.90
C PRO A 191 10.55 13.25 -12.81
N THR A 192 10.33 12.12 -13.52
CA THR A 192 9.21 11.97 -14.45
C THR A 192 8.11 10.96 -14.03
N MET A 193 7.59 11.04 -12.79
CA MET A 193 6.69 10.06 -12.22
C MET A 193 5.55 10.79 -11.60
N ALA A 194 4.54 9.94 -11.67
CA ALA A 194 3.22 10.18 -11.16
C ALA A 194 3.31 10.33 -9.64
N LEU A 195 3.48 9.25 -8.83
CA LEU A 195 3.87 9.41 -7.43
C LEU A 195 5.06 8.51 -7.43
N PRO A 196 6.20 9.05 -7.00
CA PRO A 196 7.37 8.23 -6.77
C PRO A 196 7.02 7.19 -5.67
N PRO A 197 7.76 6.11 -5.37
CA PRO A 197 7.29 5.09 -4.44
C PRO A 197 7.08 5.77 -3.06
N CYS A 198 6.11 5.50 -2.18
CA CYS A 198 6.05 6.18 -0.90
C CYS A 198 6.68 5.27 0.16
N HIS A 199 6.92 4.02 -0.11
CA HIS A 199 7.49 3.08 0.82
C HIS A 199 8.76 2.78 0.12
N THR A 200 9.68 3.68 0.44
CA THR A 200 10.92 3.76 -0.32
C THR A 200 11.91 2.64 -0.27
N LEU A 201 12.17 2.04 0.86
CA LEU A 201 13.21 1.02 1.01
C LEU A 201 12.64 0.07 2.03
N TYR A 202 13.12 -1.14 2.25
CA TYR A 202 12.70 -1.92 3.41
C TYR A 202 13.76 -2.96 3.60
N GLN A 203 14.10 -3.36 4.82
CA GLN A 203 15.16 -4.34 5.04
C GLN A 203 14.72 -5.48 5.95
N PHE A 204 14.97 -6.73 5.65
CA PHE A 204 14.56 -7.82 6.50
C PHE A 204 15.62 -8.06 7.56
N TYR A 205 15.44 -8.97 8.52
CA TYR A 205 16.41 -9.30 9.59
C TYR A 205 16.15 -10.69 10.02
N VAL A 206 17.04 -11.53 10.48
CA VAL A 206 16.73 -12.89 10.92
C VAL A 206 17.22 -12.89 12.37
N ASN A 207 16.32 -12.70 13.34
CA ASN A 207 16.74 -12.52 14.76
C ASN A 207 17.43 -13.74 15.37
N ASP A 208 16.76 -14.90 15.41
CA ASP A 208 17.16 -16.27 15.73
C ASP A 208 15.79 -16.88 15.92
N GLY A 209 15.55 -17.38 14.71
CA GLY A 209 14.22 -17.65 14.22
C GLY A 209 13.78 -16.22 13.84
N LYS A 210 12.49 -16.03 13.61
CA LYS A 210 11.92 -14.70 13.53
C LYS A 210 12.50 -13.68 12.53
N LEU A 211 11.81 -13.62 11.38
CA LEU A 211 12.18 -12.58 10.45
C LEU A 211 11.50 -11.31 10.88
N SER A 212 12.26 -10.25 10.82
CA SER A 212 11.70 -8.96 11.07
C SER A 212 11.78 -8.11 9.80
N LEU A 213 11.42 -6.84 9.83
CA LEU A 213 11.51 -5.96 8.65
C LEU A 213 11.37 -4.54 9.14
N GLN A 214 12.12 -3.63 8.51
CA GLN A 214 11.93 -2.21 8.74
C GLN A 214 11.60 -1.49 7.45
N LEU A 215 10.57 -0.64 7.36
CA LEU A 215 10.18 0.09 6.14
C LEU A 215 10.72 1.50 6.16
N TYR A 216 10.83 2.30 5.10
CA TYR A 216 11.08 3.72 5.24
C TYR A 216 10.08 4.25 4.26
N GLN A 217 9.00 4.68 4.85
CA GLN A 217 7.99 5.31 4.09
C GLN A 217 8.53 6.71 4.23
N ARG A 218 8.31 7.49 3.23
CA ARG A 218 8.93 8.77 3.13
C ARG A 218 7.91 9.80 3.42
N SER A 219 6.74 9.52 2.82
CA SER A 219 5.55 10.31 2.98
C SER A 219 4.45 9.39 3.53
N ALA A 220 3.78 9.78 4.62
CA ALA A 220 2.67 9.00 5.21
C ALA A 220 1.39 9.81 5.55
N ASP A 221 0.17 9.44 5.13
CA ASP A 221 -1.08 10.14 5.40
C ASP A 221 -1.60 9.46 6.66
N ILE A 222 -1.91 10.11 7.78
CA ILE A 222 -2.41 9.44 8.99
C ILE A 222 -3.95 9.64 8.92
N PHE A 223 -4.63 8.56 9.31
CA PHE A 223 -6.06 8.35 9.24
C PHE A 223 -6.20 7.59 7.96
N LEU A 224 -6.10 8.22 6.79
CA LEU A 224 -6.21 7.47 5.55
C LEU A 224 -4.78 7.07 5.20
N GLY A 225 -4.33 6.05 4.49
CA GLY A 225 -2.92 5.79 4.33
C GLY A 225 -2.25 4.91 5.39
N VAL A 226 -1.93 5.36 6.58
CA VAL A 226 -1.22 4.49 7.51
C VAL A 226 -1.92 3.29 8.13
N PRO A 227 -3.24 3.12 8.30
CA PRO A 227 -3.87 1.83 8.51
C PRO A 227 -3.53 0.88 7.42
N PHE A 228 -3.36 1.32 6.19
CA PHE A 228 -3.17 0.37 5.10
C PHE A 228 -1.79 -0.19 4.89
N ASN A 229 -0.89 0.77 4.95
CA ASN A 229 0.50 0.46 4.79
C ASN A 229 1.01 -0.42 5.93
N ILE A 230 0.71 -0.25 7.23
CA ILE A 230 1.12 -1.12 8.32
C ILE A 230 0.76 -2.54 8.03
N ALA A 231 -0.35 -2.85 7.35
CA ALA A 231 -0.75 -4.22 7.11
C ALA A 231 -0.14 -4.88 5.91
N SER A 232 0.15 -4.16 4.81
CA SER A 232 0.73 -4.67 3.57
C SER A 232 2.07 -5.23 3.96
N TYR A 233 2.93 -4.48 4.60
CA TYR A 233 4.20 -5.08 4.93
C TYR A 233 4.16 -6.06 6.14
N ALA A 234 3.14 -6.05 7.02
CA ALA A 234 2.93 -7.10 7.99
C ALA A 234 2.51 -8.35 7.25
N LEU A 235 1.98 -8.25 6.02
CA LEU A 235 1.63 -9.43 5.25
C LEU A 235 2.84 -9.97 4.50
N LEU A 236 3.70 -9.05 4.04
CA LEU A 236 4.93 -9.29 3.25
C LEU A 236 5.92 -9.96 4.15
N THR A 237 6.01 -9.36 5.34
CA THR A 237 6.84 -9.87 6.41
C THR A 237 6.14 -11.20 6.61
N HIS A 238 4.85 -11.26 6.90
CA HIS A 238 4.25 -12.57 7.17
C HIS A 238 4.34 -13.63 6.10
N LEU A 239 4.53 -13.26 4.81
CA LEU A 239 4.53 -14.19 3.71
C LEU A 239 5.92 -14.64 3.41
N VAL A 240 6.91 -13.74 3.31
CA VAL A 240 8.34 -14.09 3.21
C VAL A 240 8.67 -15.04 4.36
N ALA A 241 8.21 -14.75 5.60
CA ALA A 241 8.47 -15.55 6.81
C ALA A 241 8.20 -17.04 6.72
N HIS A 242 7.01 -17.35 6.22
CA HIS A 242 6.54 -18.70 5.94
C HIS A 242 7.29 -19.42 4.78
N GLU A 243 8.02 -18.69 3.95
CA GLU A 243 8.78 -19.30 2.86
C GLU A 243 10.22 -19.56 3.27
N CYS A 244 10.80 -18.75 4.14
CA CYS A 244 12.12 -19.07 4.60
C CYS A 244 12.03 -20.25 5.57
N GLY A 245 11.00 -20.50 6.36
CA GLY A 245 11.01 -21.61 7.31
C GLY A 245 10.95 -21.04 8.70
N LEU A 246 11.33 -19.76 8.83
CA LEU A 246 11.35 -18.98 10.07
C LEU A 246 10.03 -18.55 10.70
N GLU A 247 10.04 -18.44 12.04
CA GLU A 247 8.88 -17.89 12.78
C GLU A 247 8.73 -16.38 12.41
N VAL A 248 7.69 -15.69 12.89
CA VAL A 248 7.53 -14.29 12.59
C VAL A 248 7.86 -13.60 13.89
N GLY A 249 8.57 -12.51 13.70
CA GLY A 249 8.95 -11.68 14.81
C GLY A 249 8.26 -10.32 14.81
N GLU A 250 8.77 -9.32 14.10
CA GLU A 250 8.37 -7.95 14.34
C GLU A 250 8.58 -7.04 13.12
N PHE A 251 7.85 -5.95 13.01
CA PHE A 251 7.81 -5.12 11.82
C PHE A 251 7.92 -3.79 12.51
N ILE A 252 8.82 -3.07 11.94
CA ILE A 252 9.13 -1.76 12.36
C ILE A 252 8.63 -0.84 11.26
N HIS A 253 7.87 0.20 11.51
CA HIS A 253 7.41 1.08 10.48
C HIS A 253 8.14 2.37 10.75
N THR A 254 8.97 2.82 9.81
CA THR A 254 9.68 4.06 10.03
C THR A 254 9.21 5.02 8.97
N PHE A 255 8.91 6.24 9.45
CA PHE A 255 8.43 7.32 8.61
C PHE A 255 9.34 8.51 8.65
N GLY A 256 9.25 9.17 7.50
CA GLY A 256 9.74 10.53 7.35
C GLY A 256 8.65 11.61 7.59
N ASP A 257 7.92 12.16 6.58
CA ASP A 257 6.81 13.06 6.77
C ASP A 257 5.49 12.29 7.08
N ALA A 258 5.25 12.06 8.35
CA ALA A 258 4.04 11.42 8.89
C ALA A 258 3.24 12.66 9.16
N HIS A 259 2.07 12.65 8.57
CA HIS A 259 1.20 13.79 8.71
C HIS A 259 -0.26 13.45 8.74
N LEU A 260 -1.06 14.08 9.61
CA LEU A 260 -2.50 13.84 9.55
C LEU A 260 -3.17 14.87 8.65
N TYR A 261 -4.17 14.55 7.83
CA TYR A 261 -4.78 15.63 7.04
C TYR A 261 -5.65 16.58 7.81
N VAL A 262 -5.72 17.85 7.34
CA VAL A 262 -6.65 18.82 7.93
C VAL A 262 -8.13 18.43 7.67
N ASN A 263 -8.53 17.56 6.71
CA ASN A 263 -9.90 17.06 6.65
C ASN A 263 -10.19 16.12 7.83
N HIS A 264 -9.19 15.23 7.98
CA HIS A 264 -9.24 14.03 8.81
C HIS A 264 -9.16 14.34 10.31
N LEU A 265 -9.32 15.59 10.77
CA LEU A 265 -9.25 15.98 12.17
C LEU A 265 -10.36 15.47 13.09
N ASP A 266 -11.59 15.65 12.64
CA ASP A 266 -12.72 15.27 13.43
C ASP A 266 -12.84 13.75 13.46
N GLN A 267 -12.53 13.16 12.32
CA GLN A 267 -12.64 11.73 12.11
C GLN A 267 -11.61 10.98 12.90
N ILE A 268 -10.37 11.46 12.88
CA ILE A 268 -9.37 10.91 13.79
C ILE A 268 -9.74 11.25 15.27
N LYS A 269 -10.21 12.44 15.70
CA LYS A 269 -10.70 12.66 17.07
C LYS A 269 -11.75 11.59 17.47
N GLU A 270 -12.61 11.24 16.52
CA GLU A 270 -13.67 10.23 16.66
C GLU A 270 -13.27 8.80 16.96
N GLN A 271 -12.06 8.51 16.49
CA GLN A 271 -11.40 7.19 16.44
C GLN A 271 -10.63 6.83 17.73
N LEU A 272 -10.06 7.93 18.17
CA LEU A 272 -9.35 7.87 19.38
C LEU A 272 -10.38 7.66 20.40
N SER A 273 -11.58 8.28 20.27
CA SER A 273 -12.71 8.08 21.16
C SER A 273 -12.92 6.66 21.66
N ARG A 274 -12.41 5.65 20.96
CA ARG A 274 -12.68 4.30 21.33
C ARG A 274 -11.57 3.34 21.79
N THR A 275 -12.05 2.18 22.28
CA THR A 275 -11.21 1.14 22.88
C THR A 275 -10.84 0.00 21.90
N PRO A 276 -9.57 -0.36 21.83
CA PRO A 276 -9.08 -1.52 21.14
C PRO A 276 -9.75 -2.80 21.53
N ARG A 277 -10.42 -3.39 20.57
CA ARG A 277 -10.82 -4.74 20.84
C ARG A 277 -9.59 -5.61 20.43
N PRO A 278 -9.55 -6.91 20.77
CA PRO A 278 -8.39 -7.76 20.67
C PRO A 278 -7.82 -7.91 19.30
N ALA A 279 -6.49 -7.84 19.15
CA ALA A 279 -5.94 -7.96 17.80
C ALA A 279 -6.26 -9.21 16.96
N PRO A 280 -6.60 -9.12 15.67
CA PRO A 280 -6.95 -10.25 14.80
C PRO A 280 -5.91 -11.34 14.65
N THR A 281 -6.26 -12.59 14.32
CA THR A 281 -5.32 -13.68 13.97
C THR A 281 -5.28 -14.02 12.41
N LEU A 282 -4.14 -14.21 11.73
CA LEU A 282 -4.05 -14.46 10.29
C LEU A 282 -3.47 -15.85 10.27
N GLN A 283 -3.83 -16.71 9.36
CA GLN A 283 -3.16 -18.02 9.26
C GLN A 283 -2.72 -18.03 7.82
N LEU A 284 -1.83 -18.94 7.36
CA LEU A 284 -1.42 -18.96 5.98
C LEU A 284 -1.61 -20.36 5.37
N ASN A 285 -1.83 -20.56 4.06
CA ASN A 285 -1.97 -21.92 3.52
C ASN A 285 -0.65 -22.66 3.68
N PRO A 286 -0.56 -23.73 4.51
CA PRO A 286 0.73 -24.23 4.91
C PRO A 286 1.13 -25.22 3.82
N ASP A 287 0.24 -25.83 3.06
CA ASP A 287 0.68 -26.74 2.02
C ASP A 287 1.34 -25.79 0.97
N LYS A 288 0.77 -24.65 0.52
CA LYS A 288 1.58 -23.90 -0.43
C LYS A 288 2.63 -23.24 0.43
N HIS A 289 3.72 -23.10 -0.33
CA HIS A 289 4.99 -22.77 0.25
C HIS A 289 5.81 -21.79 -0.53
N ASP A 290 5.70 -21.81 -1.87
CA ASP A 290 6.44 -20.85 -2.73
C ASP A 290 5.60 -19.61 -2.56
N ILE A 291 5.96 -18.45 -1.99
CA ILE A 291 4.90 -17.50 -1.85
C ILE A 291 4.35 -16.97 -3.17
N PHE A 292 5.10 -16.79 -4.26
CA PHE A 292 4.58 -16.11 -5.46
C PHE A 292 3.41 -16.75 -6.18
N ASP A 293 3.15 -17.95 -5.69
CA ASP A 293 2.02 -18.75 -6.01
C ASP A 293 1.11 -18.73 -4.81
N PHE A 294 0.35 -17.68 -4.57
CA PHE A 294 -0.57 -17.72 -3.45
C PHE A 294 -1.95 -17.36 -4.02
N ASP A 295 -2.97 -18.24 -4.13
CA ASP A 295 -4.26 -17.69 -4.57
C ASP A 295 -4.73 -17.15 -3.23
N MET A 296 -5.58 -16.14 -3.42
CA MET A 296 -6.28 -15.34 -2.45
C MET A 296 -6.79 -16.01 -1.21
N LYS A 297 -7.24 -17.21 -1.53
CA LYS A 297 -7.77 -18.15 -0.57
C LYS A 297 -6.74 -18.60 0.47
N ASP A 298 -5.45 -18.51 0.12
CA ASP A 298 -4.33 -18.98 0.91
C ASP A 298 -3.91 -18.10 2.07
N ILE A 299 -4.26 -16.83 2.11
CA ILE A 299 -3.98 -15.98 3.27
C ILE A 299 -5.35 -15.80 3.92
N LYS A 300 -5.46 -15.92 5.26
CA LYS A 300 -6.73 -15.83 5.98
C LYS A 300 -6.85 -14.85 7.17
N LEU A 301 -8.05 -14.50 7.67
CA LEU A 301 -8.22 -13.60 8.81
C LEU A 301 -9.22 -13.93 9.97
N LEU A 302 -8.68 -14.54 11.01
CA LEU A 302 -9.35 -15.04 12.20
C LEU A 302 -9.63 -14.00 13.19
N ASN A 303 -10.94 -13.80 13.21
CA ASN A 303 -11.57 -12.78 13.98
C ASN A 303 -10.91 -11.45 14.32
N TYR A 304 -11.54 -10.70 13.46
CA TYR A 304 -11.45 -9.28 13.28
C TYR A 304 -12.92 -8.84 13.42
N ASP A 305 -13.09 -7.78 14.22
CA ASP A 305 -14.30 -6.99 14.38
C ASP A 305 -13.76 -5.60 14.80
N PRO A 306 -13.88 -4.63 13.90
CA PRO A 306 -13.53 -3.28 14.12
C PRO A 306 -14.73 -2.66 14.73
N TYR A 307 -14.77 -1.33 14.66
CA TYR A 307 -15.99 -0.64 15.03
C TYR A 307 -16.80 -0.55 13.77
N PRO A 308 -17.76 0.30 13.54
CA PRO A 308 -17.74 1.36 12.60
C PRO A 308 -16.58 1.60 11.62
N ALA A 309 -16.90 1.92 10.36
CA ALA A 309 -15.84 2.31 9.43
C ALA A 309 -15.73 3.84 9.57
N ILE A 310 -15.05 4.70 8.83
CA ILE A 310 -15.23 6.13 8.99
C ILE A 310 -15.10 6.75 7.61
N LYS A 311 -15.77 7.88 7.39
CA LYS A 311 -15.64 8.64 6.18
C LYS A 311 -14.50 9.64 6.38
N ALA A 312 -13.38 9.61 5.68
CA ALA A 312 -12.63 10.86 5.61
C ALA A 312 -13.04 11.42 4.21
N PRO A 313 -13.19 12.72 3.92
CA PRO A 313 -13.41 13.10 2.52
C PRO A 313 -12.20 12.80 1.62
N VAL A 314 -12.50 12.75 0.30
CA VAL A 314 -11.57 12.66 -0.85
C VAL A 314 -10.08 13.18 -0.74
N ALA A 315 -9.12 12.29 -0.46
CA ALA A 315 -7.69 12.62 -0.49
C ALA A 315 -7.26 12.76 -1.93
N VAL A 316 -6.06 12.32 -2.32
CA VAL A 316 -5.60 12.56 -3.66
C VAL A 316 -4.43 11.57 -3.96
N1 UMP B . 0.47 8.44 0.86
C2 UMP B . 0.25 7.48 1.90
N3 UMP B . -0.48 6.36 1.53
C4 UMP B . -1.03 6.13 0.23
C5 UMP B . -0.71 7.16 -0.75
C6 UMP B . 0.04 8.26 -0.36
O2 UMP B . 0.55 7.61 3.10
O4 UMP B . -1.90 5.30 -0.05
C1' UMP B . 1.05 9.83 0.93
C2' UMP B . 0.76 10.99 1.90
C3' UMP B . 0.50 12.23 0.98
C4' UMP B . 0.81 11.74 -0.44
O3' UMP B . -0.85 12.75 1.02
O4' UMP B . 1.64 10.55 -0.24
C5' UMP B . 1.59 12.73 -1.31
O5' UMP B . 2.91 13.14 -0.84
P UMP B . 4.06 13.58 -1.90
OP1 UMP B . 5.23 12.78 -1.51
OP2 UMP B . 3.64 13.23 -3.25
OP3 UMP B . 4.37 15.04 -1.77
HN3 UMP B . -0.30 5.66 2.19
N1 TMF C . 0.59 5.93 -3.72
C2 TMF C . 1.98 5.91 -3.44
NA2 TMF C . 2.97 6.55 -4.09
N3 TMF C . 2.44 5.09 -2.41
C4 TMF C . 1.53 4.48 -1.59
O4 TMF C . 1.74 4.37 -0.14
C4A TMF C . 0.34 4.09 -2.33
N5 TMF C . -0.12 2.87 -2.22
C6 TMF C . -1.17 2.54 -3.26
C7 TMF C . -1.88 3.85 -4.01
N8 TMF C . -1.57 5.09 -3.34
C8A TMF C . -0.22 5.09 -3.15
C9 TMF C . -2.12 1.61 -2.48
N10 TMF C . -2.17 2.31 -1.22
C11 TMF C . -5.68 3.93 0.04
C12 TMF C . -5.09 2.79 0.66
C13 TMF C . -3.90 2.24 0.25
C14 TMF C . -3.30 2.86 -0.80
C15 TMF C . -3.84 4.01 -1.44
C16 TMF C . -5.05 4.58 -1.03
C TMF C . -6.97 4.37 0.57
O TMF C . -7.81 4.88 -0.19
N TMF C . -7.14 4.12 1.96
CA TMF C . -7.59 5.01 3.13
CB TMF C . -9.11 5.07 3.11
CG TMF C . -9.64 6.06 2.12
CD TMF C . -11.15 6.15 2.26
OE1 TMF C . -11.82 5.85 1.21
OE2 TMF C . -11.64 6.55 3.38
CT TMF C . -7.09 4.65 4.58
O1 TMF C . -5.97 4.15 4.76
O2 TMF C . -7.77 4.85 5.58
CP1 TMF C . -0.83 2.80 -0.90
#